data_6M05
#
_entry.id   6M05
#
_entity_poly.entity_id   1
_entity_poly.type   'polydeoxyribonucleotide'
_entity_poly.pdbx_seq_one_letter_code
;(DG)(DT)(DT)(DA)(DG)(DG)
;
_entity_poly.pdbx_strand_id   A,B,C
#
loop_
_chem_comp.id
_chem_comp.type
_chem_comp.name
_chem_comp.formula
DA DNA linking 2'-DEOXYADENOSINE-5'-MONOPHOSPHATE 'C10 H14 N5 O6 P'
DG DNA linking 2'-DEOXYGUANOSINE-5'-MONOPHOSPHATE 'C10 H14 N5 O7 P'
DT DNA linking THYMIDINE-5'-MONOPHOSPHATE 'C10 H15 N2 O8 P'
#